data_3OPN
#
_entry.id   3OPN
#
_cell.length_a   48.716
_cell.length_b   54.523
_cell.length_c   70.643
_cell.angle_alpha   90.00
_cell.angle_beta   90.00
_cell.angle_gamma   90.00
#
_symmetry.space_group_name_H-M   'P 21 21 21'
#
loop_
_entity.id
_entity.type
_entity.pdbx_description
1 polymer 'putative hemolysin'
2 non-polymer GLYCEROL
3 non-polymer 'SULFATE ION'
4 water water
#
_entity_poly.entity_id   1
_entity_poly.type   'polypeptide(L)'
_entity_poly.pdbx_seq_one_letter_code
;(MSE)SLDGTELRLKGEKLRYVSRGGLKLEKALKEFHLEINGKTCLDIGSSTGGFTDV(MSE)LQNGAKLVYALDVGTNQ
LAWKIRSDERVVV(MSE)EQFNFRNAVLADFEQGRPSFTSIDVSFISLDLILPPLYEILEKNGEVAALIKPQFEAGREQV
GKNGIIRDPKVHQ(MSE)TIEKVLKTATQLGFSVKGLTFSPIKGGAGNVEFLVHLLKDGKAEIAQQVNIESVLQKESEEL
EGHHHHHH
;
_entity_poly.pdbx_strand_id   A
#
# COMPACT_ATOMS: atom_id res chain seq x y z
N LYS A 14 22.79 -11.90 5.66
CA LYS A 14 21.79 -11.96 4.60
C LYS A 14 20.32 -11.61 4.89
N LEU A 15 20.06 -10.71 5.83
CA LEU A 15 18.77 -10.06 5.88
C LEU A 15 18.75 -8.90 4.86
N ARG A 16 18.06 -9.12 3.78
CA ARG A 16 18.15 -8.19 2.68
C ARG A 16 17.40 -6.84 2.93
N TYR A 17 16.33 -6.89 3.72
CA TYR A 17 15.49 -5.75 4.05
C TYR A 17 15.53 -5.44 5.55
N VAL A 18 15.17 -4.23 5.94
CA VAL A 18 15.22 -3.84 7.35
C VAL A 18 14.04 -4.40 8.16
N SER A 19 13.08 -5.03 7.47
CA SER A 19 12.00 -5.75 8.13
C SER A 19 11.42 -6.81 7.20
N ARG A 20 10.64 -7.73 7.75
CA ARG A 20 9.92 -8.72 6.93
C ARG A 20 8.81 -8.03 6.12
N GLY A 21 8.46 -6.82 6.53
CA GLY A 21 7.51 -6.03 5.75
C GLY A 21 7.98 -5.86 4.32
N GLY A 22 9.30 -5.83 4.12
CA GLY A 22 9.86 -5.70 2.78
C GLY A 22 9.43 -6.83 1.85
N LEU A 23 9.15 -8.01 2.42
CA LEU A 23 8.68 -9.15 1.64
C LEU A 23 7.32 -8.87 0.99
N LYS A 24 6.54 -8.01 1.62
CA LYS A 24 5.21 -7.70 1.11
C LYS A 24 5.31 -6.89 -0.19
N LEU A 25 6.05 -5.79 -0.15
CA LEU A 25 6.23 -4.98 -1.35
C LEU A 25 7.02 -5.74 -2.42
N GLU A 26 7.97 -6.57 -2.01
CA GLU A 26 8.72 -7.36 -2.97
C GLU A 26 7.78 -8.21 -3.82
N LYS A 27 6.80 -8.86 -3.18
CA LYS A 27 5.88 -9.68 -3.93
C LYS A 27 5.02 -8.82 -4.87
N ALA A 28 4.59 -7.66 -4.38
CA ALA A 28 3.77 -6.78 -5.21
C ALA A 28 4.53 -6.34 -6.46
N LEU A 29 5.79 -5.95 -6.29
CA LEU A 29 6.60 -5.51 -7.43
C LEU A 29 6.71 -6.60 -8.49
N LYS A 30 6.98 -7.82 -8.02
CA LYS A 30 7.09 -9.01 -8.85
C LYS A 30 5.77 -9.42 -9.54
N GLU A 31 4.72 -9.59 -8.75
CA GLU A 31 3.42 -10.03 -9.28
C GLU A 31 2.75 -8.99 -10.16
N PHE A 32 2.94 -7.72 -9.84
CA PHE A 32 2.26 -6.63 -10.55
C PHE A 32 3.12 -6.07 -11.68
N HIS A 33 4.33 -6.60 -11.82
CA HIS A 33 5.28 -6.14 -12.83
C HIS A 33 5.54 -4.64 -12.77
N LEU A 34 5.81 -4.15 -11.55
CA LEU A 34 6.05 -2.73 -11.34
C LEU A 34 7.52 -2.35 -11.53
N GLU A 35 7.74 -1.19 -12.14
CA GLU A 35 9.09 -0.66 -12.34
C GLU A 35 9.27 0.59 -11.49
N ILE A 36 10.25 0.58 -10.61
CA ILE A 36 10.45 1.66 -9.65
C ILE A 36 11.60 2.54 -10.11
N ASN A 37 12.51 1.95 -10.88
CA ASN A 37 13.73 2.64 -11.23
C ASN A 37 13.50 4.05 -11.74
N GLY A 38 14.10 5.03 -11.06
CA GLY A 38 14.14 6.40 -11.54
C GLY A 38 12.90 7.17 -11.14
N LYS A 39 12.00 6.52 -10.41
CA LYS A 39 10.73 7.13 -10.05
C LYS A 39 10.76 7.84 -8.71
N THR A 40 9.96 8.89 -8.60
CA THR A 40 9.69 9.54 -7.32
C THR A 40 8.55 8.79 -6.63
N CYS A 41 8.83 8.28 -5.43
CA CYS A 41 7.95 7.34 -4.77
C CYS A 41 7.42 7.91 -3.47
N LEU A 42 6.27 7.41 -3.05
CA LEU A 42 5.66 7.78 -1.78
C LEU A 42 5.36 6.52 -0.96
N ASP A 43 5.82 6.49 0.29
CA ASP A 43 5.60 5.36 1.17
C ASP A 43 4.69 5.83 2.29
N ILE A 44 3.41 5.44 2.23
CA ILE A 44 2.46 5.87 3.24
C ILE A 44 2.40 4.87 4.39
N GLY A 45 2.85 5.31 5.57
CA GLY A 45 2.94 4.45 6.74
C GLY A 45 4.30 3.77 6.82
N SER A 46 5.37 4.55 6.59
CA SER A 46 6.72 4.01 6.44
C SER A 46 7.19 3.13 7.58
N SER A 47 6.80 3.48 8.81
CA SER A 47 7.16 2.67 9.98
C SER A 47 8.66 2.40 10.00
N THR A 48 9.04 1.12 10.15
CA THR A 48 10.46 0.76 10.20
C THR A 48 11.19 0.94 8.85
N GLY A 49 10.45 0.95 7.75
CA GLY A 49 11.03 1.30 6.46
C GLY A 49 11.19 0.18 5.46
N GLY A 50 10.58 -0.96 5.74
CA GLY A 50 10.69 -2.11 4.85
C GLY A 50 10.29 -1.83 3.42
N PHE A 51 9.17 -1.12 3.23
CA PHE A 51 8.70 -0.75 1.90
C PHE A 51 9.66 0.24 1.26
N THR A 52 10.06 1.25 2.03
CA THR A 52 11.01 2.23 1.53
C THR A 52 12.31 1.56 1.09
N ASP A 53 12.76 0.61 1.90
CA ASP A 53 13.95 -0.17 1.61
C ASP A 53 13.80 -0.88 0.27
N VAL A 54 12.70 -1.59 0.08
CA VAL A 54 12.44 -2.25 -1.21
C VAL A 54 12.49 -1.27 -2.38
N LEU A 56 14.04 1.77 -2.54
CA LEU A 56 15.43 2.20 -2.68
C LEU A 56 16.26 1.17 -3.45
N GLN A 57 16.14 -0.10 -3.08
CA GLN A 57 16.91 -1.17 -3.74
C GLN A 57 16.51 -1.39 -5.19
N ASN A 58 15.32 -0.93 -5.56
CA ASN A 58 14.85 -1.08 -6.93
C ASN A 58 15.01 0.21 -7.75
N GLY A 59 15.77 1.16 -7.20
CA GLY A 59 16.22 2.30 -7.95
C GLY A 59 15.40 3.57 -7.85
N ALA A 60 14.47 3.62 -6.89
CA ALA A 60 13.71 4.85 -6.66
C ALA A 60 14.63 6.07 -6.68
N LYS A 61 14.17 7.14 -7.31
CA LYS A 61 14.95 8.37 -7.36
C LYS A 61 14.86 9.10 -6.03
N LEU A 62 13.68 9.03 -5.44
CA LEU A 62 13.41 9.66 -4.17
C LEU A 62 12.22 8.94 -3.54
N VAL A 63 12.24 8.82 -2.21
CA VAL A 63 11.13 8.24 -1.49
C VAL A 63 10.70 9.17 -0.36
N TYR A 64 9.43 9.59 -0.43
CA TYR A 64 8.82 10.30 0.68
C TYR A 64 8.36 9.29 1.69
N ALA A 65 8.89 9.37 2.92
CA ALA A 65 8.55 8.42 3.97
C ALA A 65 7.62 9.09 4.98
N LEU A 66 6.34 8.71 4.96
CA LEU A 66 5.30 9.41 5.72
C LEU A 66 4.73 8.59 6.85
N ASP A 67 4.58 9.22 8.01
CA ASP A 67 4.01 8.60 9.20
C ASP A 67 3.18 9.63 9.96
N VAL A 68 1.98 9.23 10.39
CA VAL A 68 1.13 10.10 11.18
C VAL A 68 1.78 10.45 12.53
N GLY A 69 2.60 9.55 13.05
CA GLY A 69 3.35 9.78 14.26
C GLY A 69 4.83 9.99 14.00
N THR A 70 5.67 9.80 15.01
CA THR A 70 7.10 10.04 14.84
C THR A 70 7.71 8.95 13.97
N ASN A 71 8.74 9.28 13.20
CA ASN A 71 9.32 8.27 12.31
C ASN A 71 10.09 7.22 13.11
N GLN A 72 9.98 5.98 12.66
CA GLN A 72 10.61 4.83 13.32
C GLN A 72 11.54 4.16 12.34
N LEU A 73 11.98 4.89 11.32
CA LEU A 73 12.82 4.32 10.28
C LEU A 73 14.07 3.67 10.86
N ALA A 74 14.41 2.49 10.36
CA ALA A 74 15.73 1.91 10.62
C ALA A 74 16.82 2.90 10.23
N TRP A 75 17.90 2.88 11.01
CA TRP A 75 19.03 3.79 10.88
C TRP A 75 19.54 3.85 9.43
N LYS A 76 19.72 2.69 8.83
CA LYS A 76 20.15 2.53 7.44
C LYS A 76 19.27 3.33 6.46
N ILE A 77 17.96 3.29 6.69
CA ILE A 77 17.00 3.96 5.81
C ILE A 77 16.88 5.46 6.12
N ARG A 78 16.86 5.80 7.40
CA ARG A 78 16.80 7.19 7.84
C ARG A 78 17.99 8.00 7.31
N SER A 79 19.13 7.33 7.22
CA SER A 79 20.37 7.98 6.79
C SER A 79 20.48 8.09 5.27
N ASP A 80 19.54 7.50 4.54
CA ASP A 80 19.66 7.44 3.10
C ASP A 80 19.28 8.77 2.50
N GLU A 81 20.22 9.33 1.72
CA GLU A 81 20.07 10.61 1.07
C GLU A 81 18.80 10.69 0.18
N ARG A 82 18.36 9.55 -0.33
CA ARG A 82 17.20 9.54 -1.23
C ARG A 82 15.86 9.63 -0.51
N VAL A 83 15.91 9.59 0.81
CA VAL A 83 14.71 9.53 1.63
C VAL A 83 14.33 10.89 2.19
N VAL A 84 13.06 11.25 2.04
CA VAL A 84 12.56 12.51 2.56
C VAL A 84 11.55 12.16 3.63
N VAL A 85 11.88 12.50 4.88
CA VAL A 85 11.02 12.15 6.01
C VAL A 85 9.89 13.15 6.19
N GLU A 87 7.21 13.10 8.98
CA GLU A 87 6.63 12.50 10.16
C GLU A 87 5.68 13.47 10.84
N GLN A 88 4.90 12.96 11.78
CA GLN A 88 3.85 13.75 12.39
C GLN A 88 2.99 14.36 11.28
N PHE A 89 2.75 13.56 10.25
CA PHE A 89 2.09 14.04 9.06
C PHE A 89 0.88 13.17 8.76
N ASN A 90 -0.32 13.73 8.92
CA ASN A 90 -1.54 12.95 8.72
C ASN A 90 -1.92 12.99 7.24
N PHE A 91 -1.82 11.84 6.56
CA PHE A 91 -2.03 11.84 5.12
C PHE A 91 -3.43 12.30 4.70
N ARG A 92 -4.39 12.19 5.61
CA ARG A 92 -5.74 12.63 5.24
C ARG A 92 -5.74 14.12 4.88
N ASN A 93 -4.81 14.86 5.48
CA ASN A 93 -4.74 16.29 5.23
C ASN A 93 -3.73 16.66 4.14
N ALA A 94 -3.18 15.63 3.49
CA ALA A 94 -2.15 15.80 2.46
C ALA A 94 -2.72 16.42 1.19
N VAL A 95 -1.98 17.38 0.63
CA VAL A 95 -2.30 17.93 -0.69
C VAL A 95 -1.04 17.93 -1.56
N LEU A 96 -1.23 18.12 -2.86
CA LEU A 96 -0.10 18.08 -3.79
C LEU A 96 1.01 19.09 -3.42
N ALA A 97 0.63 20.26 -2.92
CA ALA A 97 1.63 21.25 -2.51
C ALA A 97 2.57 20.75 -1.41
N ASP A 98 2.19 19.70 -0.70
CA ASP A 98 3.04 19.15 0.37
C ASP A 98 4.26 18.40 -0.16
N PHE A 99 4.25 18.12 -1.45
CA PHE A 99 5.33 17.35 -2.06
C PHE A 99 6.14 18.23 -3.00
N GLU A 100 7.25 18.73 -2.47
CA GLU A 100 8.02 19.79 -3.09
C GLU A 100 9.29 19.32 -3.78
N GLN A 101 9.53 18.00 -3.82
CA GLN A 101 10.74 17.51 -4.48
C GLN A 101 10.41 16.51 -5.57
N GLY A 102 9.32 16.79 -6.27
CA GLY A 102 8.85 15.91 -7.32
C GLY A 102 7.53 15.28 -6.96
N ARG A 103 6.67 15.12 -7.95
CA ARG A 103 5.35 14.54 -7.76
C ARG A 103 5.45 13.02 -7.75
N PRO A 104 4.88 12.36 -6.73
CA PRO A 104 5.00 10.90 -6.69
C PRO A 104 4.31 10.25 -7.87
N SER A 105 4.98 9.31 -8.51
CA SER A 105 4.34 8.53 -9.58
C SER A 105 4.14 7.07 -9.16
N PHE A 106 4.80 6.65 -8.09
CA PHE A 106 4.48 5.36 -7.48
C PHE A 106 4.30 5.48 -5.96
N THR A 107 3.28 4.79 -5.44
CA THR A 107 2.95 4.86 -4.03
C THR A 107 2.74 3.47 -3.45
N SER A 108 3.32 3.25 -2.28
CA SER A 108 3.04 2.03 -1.55
C SER A 108 2.31 2.42 -0.26
N ILE A 109 1.34 1.61 0.13
CA ILE A 109 0.53 1.95 1.30
C ILE A 109 0.48 0.79 2.28
N ASP A 110 0.84 1.08 3.52
CA ASP A 110 0.76 0.08 4.58
C ASP A 110 0.42 0.83 5.85
N VAL A 111 -0.87 1.08 6.07
CA VAL A 111 -1.30 1.84 7.23
C VAL A 111 -2.12 0.93 8.13
N SER A 112 -2.20 1.28 9.40
CA SER A 112 -2.97 0.53 10.37
C SER A 112 -3.97 1.41 11.11
N PHE A 113 -5.04 0.81 11.61
CA PHE A 113 -6.06 1.52 12.40
C PHE A 113 -6.76 2.61 11.62
N ILE A 114 -6.90 2.36 10.32
CA ILE A 114 -7.58 3.28 9.42
C ILE A 114 -7.90 2.53 8.13
N SER A 115 -8.98 2.93 7.49
CA SER A 115 -9.40 2.32 6.24
C SER A 115 -8.78 3.03 5.05
N LEU A 116 -8.55 2.29 3.98
CA LEU A 116 -8.10 2.87 2.72
C LEU A 116 -9.10 3.88 2.16
N ASP A 117 -10.35 3.78 2.60
CA ASP A 117 -11.38 4.75 2.22
C ASP A 117 -10.93 6.18 2.54
N LEU A 118 -10.11 6.31 3.57
CA LEU A 118 -9.67 7.64 4.00
C LEU A 118 -8.30 8.02 3.43
N ILE A 119 -7.63 7.06 2.83
CA ILE A 119 -6.31 7.31 2.25
C ILE A 119 -6.40 7.55 0.73
N LEU A 120 -7.21 6.75 0.06
CA LEU A 120 -7.24 6.76 -1.40
C LEU A 120 -7.70 8.08 -2.02
N PRO A 121 -8.67 8.77 -1.39
CA PRO A 121 -9.09 10.04 -2.02
C PRO A 121 -8.01 11.14 -2.08
N PRO A 122 -7.37 11.50 -0.96
CA PRO A 122 -6.32 12.51 -1.12
C PRO A 122 -5.22 12.01 -2.06
N LEU A 123 -4.93 10.72 -1.99
CA LEU A 123 -3.88 10.14 -2.83
C LEU A 123 -4.19 10.26 -4.33
N TYR A 124 -5.45 10.00 -4.68
CA TYR A 124 -5.87 10.14 -6.06
C TYR A 124 -5.50 11.50 -6.63
N GLU A 125 -5.64 12.55 -5.83
CA GLU A 125 -5.28 13.90 -6.28
C GLU A 125 -3.77 14.11 -6.35
N ILE A 126 -3.04 13.55 -5.39
CA ILE A 126 -1.60 13.78 -5.28
C ILE A 126 -0.76 13.04 -6.33
N LEU A 127 -1.18 11.82 -6.65
CA LEU A 127 -0.43 10.94 -7.52
C LEU A 127 -0.31 11.51 -8.94
N GLU A 128 0.83 11.30 -9.59
CA GLU A 128 1.00 11.75 -10.96
C GLU A 128 0.01 10.99 -11.86
N LYS A 129 -0.37 11.61 -12.96
CA LYS A 129 -1.17 10.97 -13.98
C LYS A 129 -0.52 9.66 -14.39
N ASN A 130 -1.33 8.61 -14.48
CA ASN A 130 -0.84 7.27 -14.82
C ASN A 130 0.08 6.72 -13.74
N GLY A 131 0.03 7.34 -12.56
CA GLY A 131 0.78 6.85 -11.42
C GLY A 131 0.22 5.55 -10.91
N GLU A 132 1.04 4.78 -10.21
CA GLU A 132 0.61 3.47 -9.73
C GLU A 132 0.67 3.35 -8.22
N VAL A 133 -0.16 2.46 -7.67
CA VAL A 133 -0.21 2.24 -6.24
C VAL A 133 -0.16 0.75 -5.93
N ALA A 134 0.67 0.38 -4.96
CA ALA A 134 0.63 -0.97 -4.39
C ALA A 134 0.19 -0.87 -2.94
N ALA A 135 -1.01 -1.35 -2.63
CA ALA A 135 -1.59 -1.07 -1.35
C ALA A 135 -1.95 -2.36 -0.61
N LEU A 136 -1.68 -2.37 0.69
CA LEU A 136 -2.12 -3.45 1.55
C LEU A 136 -3.56 -3.24 1.97
N ILE A 137 -4.38 -4.25 1.73
CA ILE A 137 -5.75 -4.29 2.18
C ILE A 137 -5.81 -5.12 3.45
N LYS A 138 -6.15 -4.48 4.57
CA LYS A 138 -6.20 -5.17 5.86
C LYS A 138 -7.64 -5.29 6.33
N PRO A 139 -8.20 -6.50 6.21
CA PRO A 139 -9.60 -6.76 6.56
C PRO A 139 -9.91 -6.30 7.98
N GLN A 140 -8.95 -6.48 8.89
CA GLN A 140 -9.15 -6.10 10.28
C GLN A 140 -9.36 -4.60 10.45
N PHE A 141 -8.98 -3.82 9.44
CA PHE A 141 -9.23 -2.37 9.53
C PHE A 141 -10.31 -1.89 8.51
N GLU A 142 -10.82 -2.82 7.72
CA GLU A 142 -11.84 -2.49 6.70
C GLU A 142 -13.23 -2.99 7.09
N ALA A 143 -13.27 -4.04 7.89
CA ALA A 143 -14.53 -4.61 8.35
C ALA A 143 -15.12 -3.77 9.46
N GLY A 144 -16.35 -4.07 9.85
CA GLY A 144 -16.97 -3.36 10.96
C GLY A 144 -16.35 -3.76 12.29
N ARG A 145 -16.43 -2.86 13.27
CA ARG A 145 -15.95 -3.16 14.63
C ARG A 145 -16.51 -4.49 15.15
N GLU A 146 -17.82 -4.66 15.00
CA GLU A 146 -18.49 -5.86 15.50
C GLU A 146 -18.01 -7.13 14.79
N GLN A 147 -17.35 -6.95 13.65
CA GLN A 147 -16.91 -8.08 12.85
C GLN A 147 -15.52 -8.54 13.24
N VAL A 148 -14.83 -7.75 14.05
CA VAL A 148 -13.41 -8.04 14.29
C VAL A 148 -13.17 -9.06 15.41
N GLY A 149 -13.61 -8.75 16.63
CA GLY A 149 -13.22 -9.53 17.79
C GLY A 149 -11.72 -9.47 18.05
N ASN A 151 -9.58 -10.74 19.82
CA ASN A 151 -8.26 -11.20 19.41
C ASN A 151 -7.72 -10.41 18.21
N GLY A 152 -8.62 -9.71 17.52
CA GLY A 152 -8.22 -8.76 16.49
C GLY A 152 -7.97 -9.39 15.14
N ILE A 153 -8.37 -10.66 14.99
CA ILE A 153 -8.13 -11.40 13.75
C ILE A 153 -9.44 -11.68 13.01
N ILE A 154 -9.44 -11.41 11.71
CA ILE A 154 -10.58 -11.81 10.86
C ILE A 154 -10.23 -13.11 10.17
N ARG A 155 -11.08 -14.12 10.34
CA ARG A 155 -10.81 -15.42 9.78
C ARG A 155 -11.88 -15.84 8.77
N ASP A 156 -13.02 -15.15 8.79
CA ASP A 156 -14.12 -15.46 7.90
C ASP A 156 -13.81 -15.05 6.45
N PRO A 157 -13.82 -16.03 5.53
CA PRO A 157 -13.56 -15.79 4.10
C PRO A 157 -14.55 -14.79 3.48
N LYS A 158 -15.81 -14.84 3.91
CA LYS A 158 -16.82 -13.90 3.44
C LYS A 158 -16.52 -12.48 3.88
N VAL A 159 -16.01 -12.30 5.10
CA VAL A 159 -15.57 -10.98 5.53
C VAL A 159 -14.35 -10.52 4.70
N HIS A 160 -13.40 -11.42 4.46
CA HIS A 160 -12.25 -11.07 3.62
C HIS A 160 -12.73 -10.57 2.26
N GLN A 161 -13.62 -11.33 1.63
CA GLN A 161 -14.14 -10.96 0.30
C GLN A 161 -14.80 -9.58 0.33
N THR A 163 -14.32 -7.10 2.37
CA THR A 163 -13.34 -5.99 2.57
C THR A 163 -12.57 -5.68 1.29
N ILE A 164 -12.19 -6.72 0.56
CA ILE A 164 -11.58 -6.54 -0.75
C ILE A 164 -12.55 -5.82 -1.69
N GLU A 165 -13.80 -6.28 -1.74
CA GLU A 165 -14.81 -5.65 -2.58
C GLU A 165 -14.96 -4.17 -2.22
N LYS A 166 -14.94 -3.89 -0.92
CA LYS A 166 -15.08 -2.53 -0.41
C LYS A 166 -13.98 -1.60 -0.94
N VAL A 167 -12.74 -2.06 -0.89
CA VAL A 167 -11.61 -1.27 -1.34
C VAL A 167 -11.63 -1.07 -2.86
N LEU A 168 -11.97 -2.12 -3.61
CA LEU A 168 -12.05 -2.03 -5.07
C LEU A 168 -13.14 -1.03 -5.49
N LYS A 169 -14.23 -1.04 -4.74
CA LYS A 169 -15.34 -0.12 -4.99
C LYS A 169 -14.89 1.33 -4.75
N THR A 170 -14.25 1.55 -3.61
CA THR A 170 -13.75 2.87 -3.30
C THR A 170 -12.78 3.37 -4.37
N ALA A 171 -11.85 2.53 -4.76
CA ALA A 171 -10.87 2.92 -5.76
C ALA A 171 -11.54 3.27 -7.09
N THR A 172 -12.45 2.42 -7.55
CA THR A 172 -13.11 2.66 -8.82
C THR A 172 -14.01 3.90 -8.80
N GLN A 173 -14.69 4.13 -7.69
CA GLN A 173 -15.55 5.32 -7.56
C GLN A 173 -14.72 6.58 -7.73
N LEU A 174 -13.46 6.53 -7.28
CA LEU A 174 -12.54 7.67 -7.41
C LEU A 174 -11.99 7.84 -8.83
N GLY A 175 -11.93 6.76 -9.59
CA GLY A 175 -11.37 6.82 -10.92
C GLY A 175 -10.16 5.93 -11.12
N PHE A 176 -9.66 5.33 -10.04
CA PHE A 176 -8.54 4.40 -10.17
C PHE A 176 -9.02 3.20 -10.98
N SER A 177 -8.13 2.64 -11.80
CA SER A 177 -8.36 1.31 -12.33
C SER A 177 -7.66 0.30 -11.43
N VAL A 178 -8.19 -0.90 -11.35
CA VAL A 178 -7.60 -1.96 -10.56
C VAL A 178 -6.91 -2.94 -11.49
N LYS A 179 -5.58 -2.97 -11.43
CA LYS A 179 -4.80 -3.70 -12.43
C LYS A 179 -4.41 -5.10 -11.98
N GLY A 180 -4.45 -5.34 -10.68
CA GLY A 180 -4.04 -6.62 -10.15
C GLY A 180 -4.44 -6.79 -8.70
N LEU A 181 -4.48 -8.04 -8.24
CA LEU A 181 -4.82 -8.35 -6.87
C LEU A 181 -4.16 -9.66 -6.51
N THR A 182 -3.54 -9.72 -5.34
CA THR A 182 -3.01 -10.98 -4.83
C THR A 182 -3.09 -10.97 -3.30
N PHE A 183 -2.52 -11.99 -2.67
CA PHE A 183 -2.50 -12.03 -1.20
C PHE A 183 -1.09 -11.69 -0.71
N SER A 184 -1.03 -11.00 0.42
CA SER A 184 0.25 -10.66 1.02
C SER A 184 0.94 -11.96 1.46
N PRO A 185 2.28 -12.03 1.27
CA PRO A 185 2.93 -13.32 1.49
C PRO A 185 3.00 -13.72 2.96
N ILE A 186 2.81 -12.76 3.86
CA ILE A 186 2.87 -13.07 5.29
C ILE A 186 1.74 -12.35 6.01
N LYS A 187 1.33 -12.89 7.16
CA LYS A 187 0.27 -12.29 7.96
C LYS A 187 0.72 -10.98 8.59
N GLY A 188 -0.24 -10.11 8.87
CA GLY A 188 0.06 -8.83 9.45
C GLY A 188 -0.47 -8.72 10.86
N GLY A 189 0.10 -7.81 11.64
CA GLY A 189 -0.39 -7.50 12.97
C GLY A 189 -0.58 -8.70 13.87
N ALA A 190 -1.77 -8.78 14.46
CA ALA A 190 -2.13 -9.85 15.37
C ALA A 190 -2.24 -11.23 14.71
N GLY A 191 -2.11 -11.29 13.39
CA GLY A 191 -2.19 -12.58 12.68
C GLY A 191 -3.22 -12.60 11.56
N ASN A 192 -3.31 -11.50 10.81
CA ASN A 192 -4.32 -11.35 9.78
C ASN A 192 -3.80 -11.64 8.39
N VAL A 193 -4.57 -12.40 7.64
CA VAL A 193 -4.35 -12.47 6.21
C VAL A 193 -4.58 -11.06 5.66
N GLU A 194 -3.71 -10.60 4.76
CA GLU A 194 -3.90 -9.29 4.15
C GLU A 194 -3.73 -9.45 2.65
N PHE A 195 -4.18 -8.45 1.89
CA PHE A 195 -4.13 -8.54 0.44
C PHE A 195 -3.38 -7.39 -0.21
N LEU A 196 -2.88 -7.60 -1.42
CA LEU A 196 -2.16 -6.57 -2.14
C LEU A 196 -2.94 -6.20 -3.38
N VAL A 197 -3.20 -4.91 -3.55
CA VAL A 197 -3.92 -4.46 -4.73
C VAL A 197 -3.07 -3.46 -5.51
N HIS A 198 -3.16 -3.55 -6.84
CA HIS A 198 -2.43 -2.70 -7.78
C HIS A 198 -3.42 -1.72 -8.45
N LEU A 199 -3.22 -0.41 -8.23
CA LEU A 199 -4.11 0.61 -8.77
C LEU A 199 -3.37 1.49 -9.79
N LEU A 200 -4.13 2.06 -10.73
CA LEU A 200 -3.57 2.95 -11.73
C LEU A 200 -4.47 4.18 -11.84
N LYS A 201 -3.88 5.37 -11.75
CA LYS A 201 -4.65 6.60 -11.86
C LYS A 201 -4.88 6.94 -13.33
N ASP A 202 -6.05 6.57 -13.86
CA ASP A 202 -6.37 6.89 -15.25
C ASP A 202 -7.80 7.40 -15.43
N GLY A 203 -8.58 7.41 -14.36
CA GLY A 203 -9.95 7.86 -14.39
C GLY A 203 -10.89 6.87 -15.04
N LYS A 204 -10.35 5.72 -15.44
CA LYS A 204 -11.15 4.73 -16.18
C LYS A 204 -12.00 3.79 -15.33
N ALA A 205 -11.67 3.66 -14.05
CA ALA A 205 -12.46 2.82 -13.14
C ALA A 205 -12.62 1.41 -13.69
N GLU A 206 -11.56 0.90 -14.31
CA GLU A 206 -11.57 -0.43 -14.90
C GLU A 206 -10.88 -1.45 -13.99
N ILE A 207 -11.61 -2.52 -13.67
CA ILE A 207 -11.04 -3.65 -12.95
C ILE A 207 -10.56 -4.67 -14.00
N ALA A 208 -9.26 -4.93 -14.03
CA ALA A 208 -8.72 -5.81 -15.05
C ALA A 208 -9.28 -7.24 -14.96
N GLN A 209 -9.38 -7.90 -16.11
CA GLN A 209 -9.94 -9.25 -16.19
C GLN A 209 -9.22 -10.25 -15.30
N GLN A 210 -7.90 -10.06 -15.14
CA GLN A 210 -7.10 -10.93 -14.31
C GLN A 210 -7.44 -10.84 -12.81
N VAL A 211 -8.05 -9.75 -12.39
CA VAL A 211 -8.45 -9.62 -10.98
C VAL A 211 -9.55 -10.62 -10.67
N ASN A 212 -9.29 -11.50 -9.70
CA ASN A 212 -10.25 -12.54 -9.37
C ASN A 212 -10.24 -12.79 -7.87
N ILE A 213 -11.19 -12.18 -7.17
CA ILE A 213 -11.18 -12.21 -5.72
C ILE A 213 -11.26 -13.63 -5.19
N GLU A 214 -12.19 -14.40 -5.74
CA GLU A 214 -12.40 -15.76 -5.28
C GLU A 214 -11.14 -16.60 -5.48
N SER A 215 -10.50 -16.43 -6.64
CA SER A 215 -9.26 -17.16 -6.92
C SER A 215 -8.15 -16.75 -5.95
N VAL A 216 -8.04 -15.46 -5.66
CA VAL A 216 -7.02 -15.01 -4.74
C VAL A 216 -7.25 -15.60 -3.34
N LEU A 217 -8.50 -15.58 -2.89
CA LEU A 217 -8.87 -16.09 -1.58
C LEU A 217 -8.54 -17.56 -1.44
N GLN A 218 -8.76 -18.29 -2.53
CA GLN A 218 -8.52 -19.73 -2.57
C GLN A 218 -7.02 -20.03 -2.55
N LYS A 219 -6.24 -19.25 -3.30
CA LYS A 219 -4.80 -19.44 -3.35
C LYS A 219 -4.12 -19.10 -2.02
N GLU A 220 -4.60 -18.05 -1.36
CA GLU A 220 -4.03 -17.69 -0.07
C GLU A 220 -4.27 -18.83 0.93
N SER A 221 -5.47 -19.39 0.91
CA SER A 221 -5.83 -20.46 1.84
C SER A 221 -4.97 -21.72 1.70
N GLU A 222 -4.71 -22.14 0.47
CA GLU A 222 -3.88 -23.33 0.26
C GLU A 222 -2.59 -23.27 1.06
#